data_6LZC
#
_entry.id   6LZC
#
_cell.length_a   47.552
_cell.length_b   77.219
_cell.length_c   48.651
_cell.angle_alpha   90.000
_cell.angle_beta   91.550
_cell.angle_gamma   90.000
#
_symmetry.space_group_name_H-M   'P 1 21 1'
#
loop_
_entity.id
_entity.type
_entity.pdbx_description
1 polymer 'Methionine aminopeptidase 1'
2 non-polymer 'COBALT (II) ION'
3 non-polymer ~{N}-oxidanyl-1-(phenylmethyl)pyrrolo[2,3-b]pyridine-4-carboxamide
4 non-polymer 'SODIUM ION'
5 non-polymer GLYCEROL
6 non-polymer 'MAGNESIUM ION'
7 water water
#
_entity_poly.entity_id   1
_entity_poly.type   'polypeptide(L)'
_entity_poly.pdbx_seq_one_letter_code
;MGSSHHHHHHSSGLVPRGSHMLEDPYRYTGKLRPHYPLMPTRPVPSYIQRPDYADHPLGMSESEQALKGTSQIKLLSSED
IEGMRLVCRLAREVLDVAAGMIKPGVTTEEIDHAVHLACIARNCYPSPLNYYNFPKSCCTSVNEVICHGIPDRRPLQEGD
IVNVDITLYRNGYHGDLNETFFVGEVDDGARKLVQTTYECLMQAIDAVKPGVRYRELGNIIQKHAQANGFSVVRSYCGHG
IHKLFHTAPNVPHYAKNKAVGVMKSGHVFTIEPMICEGGWQDETWPDGWTAVTRDGKRSAQFEHTLLVTDTGCEILTRRL
DSARPHFMS
;
_entity_poly.pdbx_strand_id   A
#
loop_
_chem_comp.id
_chem_comp.type
_chem_comp.name
_chem_comp.formula
CO non-polymer 'COBALT (II) ION' 'Co 2'
EYL non-polymer ~{N}-oxidanyl-1-(phenylmethyl)pyrrolo[2,3-b]pyridine-4-carboxamide 'C15 H13 N3 O2'
GOL non-polymer GLYCEROL 'C3 H8 O3'
MG non-polymer 'MAGNESIUM ION' 'Mg 2'
NA non-polymer 'SODIUM ION' 'Na 1'
#
# COMPACT_ATOMS: atom_id res chain seq x y z
N TYR A 26 27.04 -3.64 4.39
CA TYR A 26 25.96 -2.97 3.59
C TYR A 26 26.13 -1.45 3.67
N ARG A 27 26.15 -0.82 2.51
CA ARG A 27 26.24 0.65 2.35
C ARG A 27 24.82 1.22 2.25
N TYR A 28 24.42 1.94 3.28
CA TYR A 28 23.08 2.54 3.29
C TYR A 28 23.08 3.60 2.20
N THR A 29 21.93 3.77 1.57
CA THR A 29 21.84 4.63 0.37
C THR A 29 21.60 6.10 0.78
N GLY A 30 21.17 6.28 2.03
CA GLY A 30 20.79 7.59 2.60
C GLY A 30 21.14 7.69 4.06
N LYS A 31 20.45 8.59 4.76
CA LYS A 31 20.63 8.75 6.22
C LYS A 31 19.87 7.70 7.03
N LEU A 32 18.77 7.17 6.52
CA LEU A 32 17.94 6.32 7.39
C LEU A 32 18.75 5.09 7.78
N ARG A 33 18.47 4.58 8.99
CA ARG A 33 18.99 3.27 9.46
C ARG A 33 17.87 2.52 10.15
N PRO A 34 17.90 1.18 10.17
CA PRO A 34 16.99 0.45 11.04
C PRO A 34 17.32 0.71 12.52
N HIS A 35 16.25 0.73 13.34
CA HIS A 35 16.37 1.01 14.80
C HIS A 35 15.89 -0.18 15.60
N TYR A 36 16.83 -1.00 15.98
CA TYR A 36 16.55 -2.30 16.67
C TYR A 36 16.76 -2.09 18.17
N PRO A 37 16.25 -3.00 19.07
CA PRO A 37 15.48 -4.19 18.75
C PRO A 37 14.05 -3.88 18.36
N LEU A 38 13.44 -4.79 17.64
CA LEU A 38 12.01 -4.74 17.41
C LEU A 38 11.35 -5.33 18.64
N MET A 39 10.20 -4.75 18.99
CA MET A 39 9.35 -5.29 20.07
C MET A 39 9.03 -6.71 19.60
N PRO A 40 8.97 -7.65 20.55
CA PRO A 40 8.57 -9.02 20.21
C PRO A 40 7.28 -9.06 19.35
N THR A 41 7.18 -10.01 18.42
CA THR A 41 6.03 -10.25 17.51
C THR A 41 4.71 -10.18 18.30
N ARG A 42 3.71 -9.47 17.75
CA ARG A 42 2.38 -9.29 18.41
C ARG A 42 1.45 -10.42 17.99
N PRO A 43 0.82 -11.14 18.94
CA PRO A 43 -0.17 -12.16 18.60
C PRO A 43 -1.58 -11.61 18.26
N VAL A 44 -2.29 -12.37 17.39
CA VAL A 44 -3.68 -12.09 16.98
C VAL A 44 -4.54 -13.15 17.66
N PRO A 45 -5.52 -12.73 18.47
CA PRO A 45 -6.37 -13.73 19.14
C PRO A 45 -6.94 -14.75 18.16
N SER A 46 -7.07 -16.00 18.60
CA SER A 46 -7.49 -17.13 17.73
C SER A 46 -8.93 -16.93 17.28
N TYR A 47 -9.75 -16.12 17.99
CA TYR A 47 -11.12 -15.74 17.57
C TYR A 47 -11.13 -14.98 16.24
N ILE A 48 -10.01 -14.41 15.81
CA ILE A 48 -9.91 -13.71 14.48
C ILE A 48 -9.57 -14.70 13.39
N GLN A 49 -10.37 -14.78 12.35
N GLN A 49 -10.25 -14.61 12.25
CA GLN A 49 -10.03 -15.64 11.19
CA GLN A 49 -10.05 -15.54 11.12
C GLN A 49 -8.64 -15.22 10.66
C GLN A 49 -8.77 -15.22 10.33
N ARG A 50 -7.90 -16.21 10.18
CA ARG A 50 -6.54 -16.02 9.65
C ARG A 50 -6.45 -16.45 8.20
N PRO A 51 -5.66 -15.69 7.39
CA PRO A 51 -5.32 -16.15 6.06
C PRO A 51 -4.31 -17.31 6.12
N ASP A 52 -4.25 -18.08 5.04
CA ASP A 52 -3.50 -19.35 5.02
C ASP A 52 -2.05 -19.12 5.47
N TYR A 53 -1.42 -18.06 4.99
CA TYR A 53 0.02 -17.83 5.22
C TYR A 53 0.33 -17.50 6.67
N ALA A 54 -0.71 -17.15 7.45
CA ALA A 54 -0.51 -16.76 8.85
C ALA A 54 0.21 -17.85 9.64
N ASP A 55 -0.03 -19.11 9.29
CA ASP A 55 0.48 -20.24 10.09
C ASP A 55 1.48 -21.07 9.27
N HIS A 56 1.96 -20.54 8.14
CA HIS A 56 2.97 -21.22 7.32
C HIS A 56 4.35 -20.75 7.78
N PRO A 57 5.33 -21.65 8.00
CA PRO A 57 6.55 -21.21 8.67
C PRO A 57 7.37 -20.14 7.94
N LEU A 58 7.28 -20.08 6.61
CA LEU A 58 7.99 -19.06 5.81
C LEU A 58 6.96 -18.00 5.38
N GLY A 59 5.77 -18.06 5.95
CA GLY A 59 4.68 -17.12 5.56
C GLY A 59 4.24 -17.28 4.11
N MET A 60 4.36 -18.46 3.48
CA MET A 60 4.00 -18.61 2.06
C MET A 60 2.49 -18.79 2.03
N SER A 61 1.86 -18.29 0.97
CA SER A 61 0.39 -18.46 0.78
C SER A 61 0.11 -19.56 -0.20
N GLU A 62 -0.43 -20.71 0.22
CA GLU A 62 -0.58 -21.87 -0.72
C GLU A 62 -1.60 -21.46 -1.79
N SER A 63 -2.60 -20.67 -1.39
CA SER A 63 -3.67 -20.19 -2.32
C SER A 63 -3.06 -19.25 -3.39
N GLU A 64 -2.09 -18.39 -3.05
CA GLU A 64 -1.41 -17.51 -4.05
C GLU A 64 -0.52 -18.41 -4.93
N GLN A 65 0.30 -19.24 -4.31
CA GLN A 65 1.28 -20.04 -5.10
C GLN A 65 0.53 -20.90 -6.13
N ALA A 66 -0.66 -21.42 -5.82
CA ALA A 66 -1.44 -22.27 -6.77
C ALA A 66 -1.84 -21.50 -8.04
N LEU A 67 -2.36 -20.27 -7.86
CA LEU A 67 -2.77 -19.37 -8.98
C LEU A 67 -1.56 -18.64 -9.57
N LYS A 68 -0.34 -19.03 -9.18
CA LYS A 68 0.86 -18.37 -9.74
C LYS A 68 0.94 -18.85 -11.18
N GLY A 69 1.24 -17.92 -12.10
CA GLY A 69 1.32 -18.20 -13.54
C GLY A 69 -0.05 -18.26 -14.20
N THR A 70 -1.16 -17.87 -13.54
CA THR A 70 -2.44 -17.65 -14.25
C THR A 70 -2.65 -16.13 -14.42
N SER A 71 -3.26 -15.73 -15.52
CA SER A 71 -3.56 -14.30 -15.83
C SER A 71 -5.04 -13.98 -15.74
N GLN A 72 -5.91 -14.99 -15.57
CA GLN A 72 -7.38 -14.82 -15.44
C GLN A 72 -7.66 -14.05 -14.16
N ILE A 73 -8.57 -13.08 -14.25
CA ILE A 73 -8.95 -12.16 -13.17
C ILE A 73 -10.37 -12.56 -12.74
N LYS A 74 -10.59 -12.77 -11.43
CA LYS A 74 -11.92 -13.14 -10.85
C LYS A 74 -12.93 -12.04 -11.23
N LEU A 75 -14.14 -12.44 -11.60
CA LEU A 75 -15.31 -11.53 -11.67
C LEU A 75 -15.98 -11.71 -10.32
N LEU A 76 -16.02 -10.68 -9.47
CA LEU A 76 -16.55 -10.85 -8.09
C LEU A 76 -18.08 -11.00 -8.15
N SER A 77 -18.62 -11.86 -7.29
CA SER A 77 -20.06 -12.04 -7.07
C SER A 77 -20.52 -10.87 -6.21
N SER A 78 -21.81 -10.68 -6.07
CA SER A 78 -22.43 -9.70 -5.14
C SER A 78 -21.90 -9.93 -3.72
N GLU A 79 -21.76 -11.21 -3.32
CA GLU A 79 -21.32 -11.58 -1.95
C GLU A 79 -19.87 -11.11 -1.79
N ASP A 80 -19.07 -11.29 -2.82
CA ASP A 80 -17.63 -10.94 -2.83
C ASP A 80 -17.51 -9.41 -2.73
N ILE A 81 -18.26 -8.72 -3.56
CA ILE A 81 -18.31 -7.25 -3.52
C ILE A 81 -18.71 -6.75 -2.12
N GLU A 82 -19.74 -7.28 -1.48
CA GLU A 82 -20.10 -6.82 -0.12
C GLU A 82 -18.90 -7.07 0.82
N GLY A 83 -18.24 -8.22 0.67
CA GLY A 83 -17.12 -8.57 1.56
C GLY A 83 -15.95 -7.61 1.35
N MET A 84 -15.74 -7.20 0.11
CA MET A 84 -14.67 -6.23 -0.21
C MET A 84 -15.06 -4.82 0.27
N ARG A 85 -16.32 -4.40 0.06
CA ARG A 85 -16.72 -3.09 0.60
C ARG A 85 -16.44 -3.09 2.09
N LEU A 86 -16.86 -4.14 2.79
CA LEU A 86 -16.70 -4.14 4.27
C LEU A 86 -15.23 -4.04 4.61
N VAL A 87 -14.40 -4.95 4.13
CA VAL A 87 -13.00 -4.94 4.66
C VAL A 87 -12.29 -3.65 4.23
N CYS A 88 -12.60 -3.12 3.06
CA CYS A 88 -11.93 -1.88 2.59
C CYS A 88 -12.36 -0.65 3.45
N ARG A 89 -13.64 -0.59 3.81
N ARG A 89 -13.63 -0.58 3.87
CA ARG A 89 -14.17 0.39 4.78
CA ARG A 89 -14.10 0.50 4.76
C ARG A 89 -13.38 0.27 6.10
C ARG A 89 -13.39 0.29 6.13
N LEU A 90 -13.26 -0.95 6.63
CA LEU A 90 -12.54 -1.16 7.93
C LEU A 90 -11.07 -0.74 7.76
N ALA A 91 -10.42 -1.07 6.64
CA ALA A 91 -9.00 -0.73 6.46
C ALA A 91 -8.83 0.81 6.44
N ARG A 92 -9.79 1.52 5.81
CA ARG A 92 -9.77 2.99 5.83
C ARG A 92 -9.84 3.49 7.28
N GLU A 93 -10.72 2.88 8.07
CA GLU A 93 -10.80 3.34 9.52
C GLU A 93 -9.47 3.16 10.25
N VAL A 94 -8.77 2.05 9.94
CA VAL A 94 -7.46 1.77 10.57
C VAL A 94 -6.40 2.75 10.06
N LEU A 95 -6.38 3.05 8.73
CA LEU A 95 -5.41 4.07 8.25
CA LEU A 95 -5.36 4.04 8.31
C LEU A 95 -5.67 5.40 8.96
N ASP A 96 -6.96 5.76 9.12
CA ASP A 96 -7.30 7.04 9.77
C ASP A 96 -6.78 7.04 11.22
N VAL A 97 -6.77 5.89 11.92
CA VAL A 97 -6.19 5.84 13.29
C VAL A 97 -4.71 6.23 13.18
N ALA A 98 -4.01 5.60 12.22
CA ALA A 98 -2.55 5.83 12.10
C ALA A 98 -2.29 7.31 11.78
N ALA A 99 -3.11 7.90 10.92
CA ALA A 99 -2.91 9.27 10.41
C ALA A 99 -2.90 10.26 11.60
N GLY A 100 -3.74 9.98 12.60
CA GLY A 100 -3.94 10.83 13.81
C GLY A 100 -2.66 10.89 14.58
N MET A 101 -1.79 9.89 14.47
CA MET A 101 -0.56 9.76 15.32
C MET A 101 0.69 10.43 14.72
N ILE A 102 0.68 10.90 13.49
CA ILE A 102 1.92 11.32 12.76
C ILE A 102 2.39 12.70 13.25
N LYS A 103 3.42 12.67 14.03
CA LYS A 103 4.06 13.89 14.52
C LYS A 103 5.44 13.57 15.00
N PRO A 104 6.29 14.60 15.20
CA PRO A 104 7.63 14.37 15.71
C PRO A 104 7.61 13.61 17.05
N GLY A 105 8.57 12.69 17.21
CA GLY A 105 8.75 11.93 18.48
C GLY A 105 7.97 10.63 18.56
N VAL A 106 6.99 10.40 17.68
CA VAL A 106 6.23 9.10 17.63
C VAL A 106 7.05 8.08 16.87
N THR A 107 7.16 6.87 17.41
CA THR A 107 7.93 5.82 16.72
C THR A 107 7.04 5.15 15.72
N THR A 108 7.64 4.55 14.69
CA THR A 108 6.83 3.73 13.78
C THR A 108 6.31 2.48 14.48
N GLU A 109 7.05 1.94 15.43
CA GLU A 109 6.56 0.80 16.24
C GLU A 109 5.28 1.16 16.99
N GLU A 110 5.20 2.38 17.54
CA GLU A 110 3.98 2.77 18.25
C GLU A 110 2.79 2.88 17.28
N ILE A 111 3.07 3.33 16.05
CA ILE A 111 1.98 3.39 15.06
C ILE A 111 1.49 1.96 14.81
N ASP A 112 2.44 1.00 14.60
CA ASP A 112 2.12 -0.40 14.31
C ASP A 112 1.31 -1.00 15.46
N HIS A 113 1.76 -0.75 16.70
CA HIS A 113 1.01 -1.29 17.88
C HIS A 113 -0.46 -0.83 17.82
N ALA A 114 -0.68 0.46 17.56
CA ALA A 114 -2.04 1.06 17.46
C ALA A 114 -2.80 0.41 16.31
N VAL A 115 -2.11 0.22 15.18
CA VAL A 115 -2.76 -0.43 13.99
C VAL A 115 -3.24 -1.85 14.30
N HIS A 116 -2.32 -2.61 14.92
CA HIS A 116 -2.53 -4.03 15.29
C HIS A 116 -3.80 -4.12 16.16
N LEU A 117 -3.85 -3.28 17.20
CA LEU A 117 -5.03 -3.27 18.11
C LEU A 117 -6.31 -2.86 17.41
N ALA A 118 -6.19 -1.95 16.47
CA ALA A 118 -7.34 -1.43 15.70
C ALA A 118 -7.91 -2.53 14.80
N CYS A 119 -7.02 -3.31 14.20
CA CYS A 119 -7.48 -4.46 13.39
C CYS A 119 -8.32 -5.38 14.32
N ILE A 120 -7.67 -5.86 15.36
CA ILE A 120 -8.24 -6.83 16.33
C ILE A 120 -9.62 -6.34 16.79
N ALA A 121 -9.68 -5.04 17.12
CA ALA A 121 -10.95 -4.41 17.60
C ALA A 121 -12.04 -4.54 16.54
N ARG A 122 -11.68 -4.53 15.25
CA ARG A 122 -12.62 -4.70 14.14
C ARG A 122 -12.69 -6.16 13.67
N ASN A 123 -12.19 -7.13 14.48
CA ASN A 123 -12.31 -8.57 14.12
C ASN A 123 -11.62 -8.83 12.77
N CYS A 124 -10.50 -8.16 12.53
CA CYS A 124 -9.72 -8.34 11.30
C CYS A 124 -8.31 -8.83 11.68
N TYR A 125 -7.74 -9.61 10.78
CA TYR A 125 -6.31 -9.97 10.83
C TYR A 125 -5.54 -8.90 10.06
N PRO A 126 -4.44 -8.41 10.61
CA PRO A 126 -3.57 -7.49 9.86
C PRO A 126 -2.76 -8.24 8.78
N SER A 127 -3.18 -8.09 7.54
CA SER A 127 -2.67 -8.92 6.43
C SER A 127 -1.16 -8.95 6.37
N PRO A 128 -0.45 -7.86 6.55
CA PRO A 128 1.02 -7.95 6.39
C PRO A 128 1.69 -8.92 7.36
N LEU A 129 1.04 -9.22 8.49
CA LEU A 129 1.71 -9.95 9.55
C LEU A 129 1.98 -11.41 9.15
N ASN A 130 3.26 -11.75 9.09
CA ASN A 130 3.85 -13.02 8.61
C ASN A 130 3.59 -13.25 7.11
N TYR A 131 3.24 -12.23 6.33
CA TYR A 131 3.16 -12.36 4.88
C TYR A 131 4.60 -12.50 4.37
N TYR A 132 4.96 -13.71 3.94
CA TYR A 132 6.37 -14.03 3.60
C TYR A 132 7.26 -13.63 4.78
N ASN A 133 6.77 -13.89 6.00
CA ASN A 133 7.52 -13.69 7.27
C ASN A 133 7.68 -12.18 7.58
N PHE A 134 6.95 -11.26 6.93
CA PHE A 134 7.01 -9.84 7.36
C PHE A 134 6.69 -9.77 8.85
N PRO A 135 7.48 -9.04 9.66
CA PRO A 135 7.37 -9.18 11.12
C PRO A 135 6.29 -8.33 11.80
N LYS A 136 5.66 -7.44 11.08
CA LYS A 136 4.80 -6.38 11.67
C LYS A 136 3.46 -6.35 10.98
N SER A 137 2.57 -5.47 11.46
CA SER A 137 1.15 -5.54 11.10
C SER A 137 0.79 -4.44 10.08
N CYS A 138 1.79 -3.64 9.71
CA CYS A 138 1.62 -2.59 8.70
C CYS A 138 3.05 -2.28 8.22
N CYS A 139 3.14 -1.48 7.16
CA CYS A 139 4.46 -1.00 6.66
C CYS A 139 4.50 0.49 6.86
N THR A 140 5.64 0.91 7.36
CA THR A 140 5.86 2.34 7.61
C THR A 140 7.15 2.75 6.87
N SER A 141 6.98 3.61 5.89
CA SER A 141 8.10 3.92 4.95
C SER A 141 8.45 5.40 5.06
N VAL A 142 9.65 5.72 5.56
CA VAL A 142 10.13 7.12 5.77
C VAL A 142 11.09 7.55 4.63
N ASN A 143 10.89 8.75 4.09
CA ASN A 143 11.87 9.44 3.20
C ASN A 143 12.31 8.47 2.07
N GLU A 144 13.61 8.06 1.98
CA GLU A 144 14.14 7.23 0.86
C GLU A 144 13.54 5.84 0.81
N VAL A 145 12.82 5.42 1.89
CA VAL A 145 12.14 4.11 1.79
C VAL A 145 11.01 4.24 0.78
N ILE A 146 11.01 3.35 -0.19
CA ILE A 146 10.01 3.28 -1.26
C ILE A 146 8.74 2.60 -0.68
N CYS A 147 8.91 1.45 -0.08
CA CYS A 147 7.80 0.66 0.41
C CYS A 147 8.38 -0.45 1.31
N HIS A 148 7.44 -1.01 2.10
CA HIS A 148 7.71 -2.22 2.92
C HIS A 148 8.63 -1.90 4.08
N GLY A 149 8.65 -0.64 4.52
CA GLY A 149 9.44 -0.35 5.71
C GLY A 149 8.86 -1.02 6.97
N ILE A 150 9.77 -1.43 7.81
CA ILE A 150 9.44 -2.20 9.05
C ILE A 150 9.35 -1.26 10.24
N PRO A 151 8.15 -1.19 10.88
CA PRO A 151 8.02 -0.35 12.08
C PRO A 151 9.06 -0.74 13.13
N ASP A 152 9.72 0.31 13.66
CA ASP A 152 10.86 0.14 14.56
C ASP A 152 10.95 1.27 15.59
N ARG A 153 12.04 1.33 16.30
N ARG A 153 12.05 1.32 16.31
CA ARG A 153 12.17 2.26 17.44
CA ARG A 153 12.20 2.24 17.45
C ARG A 153 12.50 3.69 17.01
C ARG A 153 12.51 3.68 17.01
N ARG A 154 12.62 3.99 15.73
CA ARG A 154 13.02 5.36 15.32
C ARG A 154 11.87 6.33 15.53
N PRO A 155 12.14 7.43 16.28
CA PRO A 155 11.16 8.52 16.40
C PRO A 155 11.09 9.30 15.10
N LEU A 156 9.87 9.58 14.65
CA LEU A 156 9.67 10.47 13.48
C LEU A 156 10.31 11.84 13.75
N GLN A 157 11.02 12.39 12.76
CA GLN A 157 11.64 13.73 12.86
C GLN A 157 10.86 14.77 12.03
N GLU A 158 10.84 16.01 12.50
CA GLU A 158 10.22 17.13 11.77
C GLU A 158 10.86 17.17 10.38
N GLY A 159 10.06 17.28 9.31
CA GLY A 159 10.60 17.33 7.94
C GLY A 159 10.46 16.00 7.21
N ASP A 160 10.33 14.90 7.95
CA ASP A 160 10.12 13.55 7.37
C ASP A 160 8.79 13.50 6.60
N ILE A 161 8.80 12.66 5.58
CA ILE A 161 7.55 12.15 4.97
C ILE A 161 7.49 10.69 5.41
N VAL A 162 6.27 10.24 5.73
CA VAL A 162 6.09 8.80 6.09
C VAL A 162 4.80 8.26 5.51
N ASN A 163 4.94 7.09 4.89
CA ASN A 163 3.80 6.35 4.36
C ASN A 163 3.42 5.27 5.37
N VAL A 164 2.11 5.14 5.60
CA VAL A 164 1.58 3.95 6.33
C VAL A 164 0.67 3.19 5.36
N ASP A 165 1.04 1.91 5.20
CA ASP A 165 0.36 0.95 4.29
C ASP A 165 -0.38 -0.06 5.18
N ILE A 166 -1.68 -0.09 4.97
CA ILE A 166 -2.61 -0.93 5.74
C ILE A 166 -3.23 -1.94 4.83
N THR A 167 -3.30 -3.17 5.36
CA THR A 167 -4.16 -4.16 4.72
C THR A 167 -4.82 -4.99 5.87
N LEU A 168 -6.13 -5.18 5.74
CA LEU A 168 -6.93 -6.00 6.66
C LEU A 168 -7.48 -7.22 5.94
N TYR A 169 -7.76 -8.23 6.73
CA TYR A 169 -8.40 -9.50 6.29
C TYR A 169 -9.64 -9.74 7.16
N ARG A 170 -10.79 -9.77 6.51
CA ARG A 170 -12.07 -10.04 7.21
C ARG A 170 -12.88 -11.04 6.41
N ASN A 171 -13.35 -12.09 7.08
N ASN A 171 -13.32 -12.10 7.07
CA ASN A 171 -14.34 -13.05 6.49
CA ASN A 171 -14.33 -13.02 6.47
C ASN A 171 -13.85 -13.52 5.12
C ASN A 171 -13.85 -13.49 5.09
N GLY A 172 -12.53 -13.61 4.91
CA GLY A 172 -11.94 -14.16 3.68
C GLY A 172 -11.46 -13.12 2.67
N TYR A 173 -11.66 -11.83 2.93
CA TYR A 173 -11.33 -10.76 1.98
C TYR A 173 -10.29 -9.83 2.58
N HIS A 174 -9.38 -9.42 1.68
CA HIS A 174 -8.33 -8.41 1.99
C HIS A 174 -8.64 -7.03 1.38
N GLY A 175 -8.38 -5.98 2.15
CA GLY A 175 -8.60 -4.57 1.70
C GLY A 175 -7.33 -3.76 1.99
N ASP A 176 -6.87 -2.98 1.01
CA ASP A 176 -5.47 -2.48 1.00
C ASP A 176 -5.41 -0.99 0.58
N LEU A 177 -4.80 -0.13 1.39
CA LEU A 177 -4.64 1.28 1.08
C LEU A 177 -3.39 1.83 1.76
N ASN A 178 -2.95 2.98 1.24
CA ASN A 178 -1.86 3.68 1.90
C ASN A 178 -1.90 5.15 1.54
N GLU A 179 -1.33 5.93 2.44
CA GLU A 179 -1.15 7.37 2.23
C GLU A 179 0.21 7.77 2.75
N THR A 180 0.77 8.82 2.15
CA THR A 180 1.97 9.49 2.69
C THR A 180 1.51 10.73 3.45
N PHE A 181 2.18 10.93 4.58
CA PHE A 181 1.92 11.99 5.57
C PHE A 181 3.15 12.86 5.73
N PHE A 182 2.89 14.10 6.15
CA PHE A 182 3.97 15.03 6.51
C PHE A 182 4.25 14.97 8.00
N VAL A 183 5.53 15.03 8.35
CA VAL A 183 5.95 15.05 9.78
C VAL A 183 6.31 16.50 10.16
N GLY A 184 5.38 17.16 10.81
CA GLY A 184 5.42 18.62 11.08
C GLY A 184 5.54 19.37 9.78
N GLU A 185 6.41 20.37 9.69
CA GLU A 185 6.58 21.23 8.51
C GLU A 185 7.58 20.50 7.65
N VAL A 186 7.34 20.46 6.37
CA VAL A 186 8.25 19.81 5.41
C VAL A 186 8.68 20.85 4.38
N ASP A 187 9.67 20.50 3.55
CA ASP A 187 10.20 21.43 2.53
C ASP A 187 9.32 21.38 1.26
N ASP A 188 9.54 22.37 0.40
CA ASP A 188 8.77 22.56 -0.85
C ASP A 188 8.87 21.29 -1.69
N GLY A 189 10.04 20.65 -1.74
CA GLY A 189 10.30 19.39 -2.46
C GLY A 189 9.39 18.26 -1.99
N ALA A 190 9.22 18.18 -0.68
CA ALA A 190 8.42 17.12 -0.06
C ALA A 190 6.97 17.33 -0.45
N ARG A 191 6.53 18.59 -0.46
CA ARG A 191 5.14 18.96 -0.82
C ARG A 191 4.86 18.60 -2.26
N LYS A 192 5.72 19.02 -3.15
CA LYS A 192 5.58 18.73 -4.59
C LYS A 192 5.58 17.20 -4.81
N LEU A 193 6.51 16.47 -4.19
CA LEU A 193 6.62 15.01 -4.45
C LEU A 193 5.27 14.37 -4.05
N VAL A 194 4.81 14.67 -2.85
CA VAL A 194 3.59 14.02 -2.26
C VAL A 194 2.35 14.43 -3.07
N GLN A 195 2.22 15.74 -3.38
CA GLN A 195 1.10 16.22 -4.20
C GLN A 195 1.12 15.48 -5.54
N THR A 196 2.27 15.45 -6.24
CA THR A 196 2.30 14.82 -7.57
C THR A 196 1.93 13.35 -7.48
N THR A 197 2.46 12.62 -6.46
CA THR A 197 2.17 11.16 -6.35
C THR A 197 0.67 10.95 -6.20
N TYR A 198 0.03 11.81 -5.41
CA TYR A 198 -1.41 11.68 -5.20
C TYR A 198 -2.15 11.94 -6.50
N GLU A 199 -1.69 12.97 -7.24
CA GLU A 199 -2.27 13.27 -8.57
C GLU A 199 -2.06 12.07 -9.53
N CYS A 200 -0.87 11.45 -9.52
CA CYS A 200 -0.66 10.28 -10.40
C CYS A 200 -1.74 9.25 -10.12
N LEU A 201 -1.93 8.97 -8.82
CA LEU A 201 -2.90 7.93 -8.44
C LEU A 201 -4.31 8.32 -8.90
N MET A 202 -4.71 9.55 -8.69
CA MET A 202 -6.08 9.96 -9.05
C MET A 202 -6.28 9.99 -10.56
N GLN A 203 -5.26 10.33 -11.34
CA GLN A 203 -5.39 10.34 -12.84
C GLN A 203 -5.54 8.88 -13.32
N ALA A 204 -4.77 7.98 -12.75
CA ALA A 204 -4.93 6.56 -13.07
C ALA A 204 -6.35 6.11 -12.76
N ILE A 205 -6.83 6.42 -11.56
CA ILE A 205 -8.20 6.01 -11.17
C ILE A 205 -9.23 6.59 -12.12
N ASP A 206 -9.01 7.81 -12.58
CA ASP A 206 -10.01 8.47 -13.44
CA ASP A 206 -9.99 8.52 -13.45
C ASP A 206 -10.08 7.78 -14.80
N ALA A 207 -9.10 6.97 -15.17
CA ALA A 207 -9.09 6.27 -16.49
C ALA A 207 -9.72 4.88 -16.38
N VAL A 208 -10.00 4.40 -15.18
CA VAL A 208 -10.45 3.01 -14.95
C VAL A 208 -11.90 2.88 -15.39
N LYS A 209 -12.17 1.99 -16.34
CA LYS A 209 -13.57 1.61 -16.68
C LYS A 209 -13.51 0.38 -17.57
N PRO A 210 -14.63 -0.33 -17.75
CA PRO A 210 -14.57 -1.54 -18.58
C PRO A 210 -13.98 -1.25 -19.97
N GLY A 211 -13.09 -2.13 -20.40
CA GLY A 211 -12.55 -2.10 -21.76
C GLY A 211 -11.18 -1.50 -21.82
N VAL A 212 -10.70 -0.84 -20.73
CA VAL A 212 -9.36 -0.20 -20.67
C VAL A 212 -8.35 -1.32 -20.32
N ARG A 213 -7.25 -1.32 -21.03
CA ARG A 213 -6.12 -2.25 -20.74
C ARG A 213 -5.40 -1.85 -19.44
N TYR A 214 -5.07 -2.83 -18.61
CA TYR A 214 -4.33 -2.61 -17.35
C TYR A 214 -2.98 -1.95 -17.65
N ARG A 215 -2.35 -2.24 -18.81
CA ARG A 215 -1.05 -1.62 -19.14
CA ARG A 215 -1.05 -1.62 -19.23
C ARG A 215 -1.17 -0.09 -19.38
N GLU A 216 -2.36 0.46 -19.60
CA GLU A 216 -2.50 1.90 -19.94
C GLU A 216 -2.25 2.76 -18.69
N LEU A 217 -2.50 2.22 -17.51
CA LEU A 217 -2.39 3.08 -16.32
C LEU A 217 -0.97 3.57 -16.10
N GLY A 218 0.02 2.73 -16.36
CA GLY A 218 1.41 3.15 -16.22
C GLY A 218 1.76 4.28 -17.19
N ASN A 219 1.15 4.32 -18.39
CA ASN A 219 1.42 5.49 -19.29
C ASN A 219 0.97 6.80 -18.62
N ILE A 220 -0.17 6.80 -17.93
CA ILE A 220 -0.76 8.04 -17.37
C ILE A 220 0.07 8.43 -16.16
N ILE A 221 0.47 7.43 -15.38
CA ILE A 221 1.27 7.69 -14.17
C ILE A 221 2.63 8.26 -14.56
N GLN A 222 3.34 7.62 -15.50
CA GLN A 222 4.73 8.06 -15.77
C GLN A 222 4.68 9.43 -16.48
N LYS A 223 3.68 9.63 -17.34
CA LYS A 223 3.57 10.93 -18.03
C LYS A 223 3.48 12.05 -16.97
N HIS A 224 2.65 11.91 -15.93
CA HIS A 224 2.50 13.02 -14.92
C HIS A 224 3.71 13.11 -13.97
N ALA A 225 4.33 12.00 -13.57
CA ALA A 225 5.58 12.06 -12.76
C ALA A 225 6.65 12.83 -13.57
N GLN A 226 6.86 12.46 -14.85
CA GLN A 226 8.03 13.00 -15.63
C GLN A 226 7.79 14.48 -15.86
N ALA A 227 6.54 14.90 -16.03
CA ALA A 227 6.24 16.34 -16.27
C ALA A 227 6.61 17.14 -15.01
N ASN A 228 6.71 16.50 -13.86
CA ASN A 228 7.07 17.21 -12.60
C ASN A 228 8.50 16.85 -12.17
N GLY A 229 9.30 16.23 -13.05
CA GLY A 229 10.74 15.96 -12.81
C GLY A 229 10.94 14.74 -11.94
N PHE A 230 9.96 13.81 -11.85
CA PHE A 230 10.10 12.63 -10.97
C PHE A 230 10.15 11.35 -11.79
N SER A 231 10.62 10.26 -11.18
CA SER A 231 10.71 8.93 -11.83
C SER A 231 9.74 7.98 -11.16
N VAL A 232 9.50 6.83 -11.80
CA VAL A 232 8.51 5.84 -11.37
C VAL A 232 9.18 4.51 -11.03
N VAL A 233 8.98 4.02 -9.80
CA VAL A 233 9.53 2.71 -9.43
C VAL A 233 9.01 1.63 -10.35
N ARG A 234 9.87 0.68 -10.74
CA ARG A 234 9.50 -0.39 -11.68
C ARG A 234 9.34 -1.72 -10.95
N SER A 235 9.98 -1.90 -9.80
CA SER A 235 10.15 -3.23 -9.17
C SER A 235 8.88 -3.61 -8.44
N TYR A 236 7.96 -2.67 -8.16
CA TYR A 236 6.75 -2.98 -7.35
C TYR A 236 5.53 -2.48 -8.13
N CYS A 237 4.43 -3.24 -8.10
CA CYS A 237 3.22 -2.99 -8.92
C CYS A 237 1.95 -3.06 -8.08
N GLY A 238 0.92 -2.49 -8.61
CA GLY A 238 -0.46 -2.74 -8.14
C GLY A 238 -0.82 -4.15 -8.38
N HIS A 239 -1.85 -4.65 -7.82
CA HIS A 239 -2.22 -6.07 -7.79
C HIS A 239 -3.73 -6.26 -7.71
N GLY A 240 -4.22 -7.31 -8.31
CA GLY A 240 -5.48 -7.91 -7.88
C GLY A 240 -5.51 -8.15 -6.40
N ILE A 241 -6.68 -8.00 -5.80
CA ILE A 241 -6.86 -8.31 -4.38
C ILE A 241 -8.30 -8.78 -4.17
N HIS A 242 -8.52 -9.78 -3.35
CA HIS A 242 -9.87 -10.18 -2.88
C HIS A 242 -9.68 -11.29 -1.85
N LYS A 243 -9.85 -12.56 -2.30
CA LYS A 243 -9.63 -13.72 -1.43
C LYS A 243 -8.12 -13.92 -1.21
N LEU A 244 -7.34 -13.41 -2.15
CA LEU A 244 -5.87 -13.39 -2.10
C LEU A 244 -5.41 -11.95 -1.83
N PHE A 245 -4.32 -11.83 -1.13
CA PHE A 245 -3.71 -10.50 -0.87
C PHE A 245 -3.17 -9.91 -2.18
N HIS A 246 -2.41 -10.73 -2.93
CA HIS A 246 -1.81 -10.37 -4.24
C HIS A 246 -2.13 -11.48 -5.26
N THR A 247 -2.80 -11.08 -6.34
CA THR A 247 -3.20 -12.00 -7.42
C THR A 247 -3.37 -11.20 -8.69
N ALA A 248 -3.69 -11.87 -9.78
CA ALA A 248 -3.90 -11.15 -11.06
C ALA A 248 -5.01 -10.11 -10.86
N PRO A 249 -4.90 -8.97 -11.52
CA PRO A 249 -3.80 -8.67 -12.43
C PRO A 249 -2.57 -8.06 -11.76
N ASN A 250 -1.43 -8.14 -12.42
CA ASN A 250 -0.24 -7.32 -12.18
C ASN A 250 -0.42 -5.97 -12.90
N VAL A 251 -0.26 -4.88 -12.11
CA VAL A 251 -0.53 -3.49 -12.56
C VAL A 251 0.68 -2.60 -12.40
N PRO A 252 1.61 -2.59 -13.40
CA PRO A 252 2.78 -1.72 -13.34
C PRO A 252 2.39 -0.25 -13.42
N HIS A 253 3.26 0.59 -12.86
CA HIS A 253 3.04 2.05 -12.76
C HIS A 253 3.85 2.86 -13.76
N TYR A 254 4.65 2.16 -14.59
CA TYR A 254 5.54 2.84 -15.58
C TYR A 254 4.98 2.67 -17.00
N ALA A 255 5.54 3.42 -17.95
CA ALA A 255 5.08 3.54 -19.36
C ALA A 255 5.55 2.32 -20.17
N LYS A 256 4.73 1.86 -21.10
CA LYS A 256 5.12 0.83 -22.11
C LYS A 256 5.50 -0.47 -21.41
N ASN A 257 4.74 -0.85 -20.38
CA ASN A 257 4.90 -2.15 -19.70
C ASN A 257 4.08 -3.14 -20.52
N LYS A 258 4.16 -4.40 -20.18
CA LYS A 258 3.53 -5.43 -21.03
C LYS A 258 2.56 -6.19 -20.15
N ALA A 259 1.89 -5.48 -19.21
CA ALA A 259 0.83 -6.13 -18.41
C ALA A 259 -0.23 -6.71 -19.34
N VAL A 260 -0.73 -7.87 -18.93
CA VAL A 260 -1.83 -8.60 -19.60
C VAL A 260 -3.16 -8.25 -18.94
N GLY A 261 -4.18 -7.96 -19.75
CA GLY A 261 -5.56 -7.92 -19.27
C GLY A 261 -6.28 -6.64 -19.61
N VAL A 262 -7.60 -6.74 -19.56
CA VAL A 262 -8.56 -5.67 -19.90
C VAL A 262 -9.50 -5.61 -18.71
N MET A 263 -9.81 -4.39 -18.29
CA MET A 263 -10.71 -4.13 -17.16
C MET A 263 -12.15 -4.50 -17.51
N LYS A 264 -12.80 -5.23 -16.60
CA LYS A 264 -14.21 -5.66 -16.76
C LYS A 264 -14.91 -5.29 -15.46
N SER A 265 -16.15 -4.89 -15.57
CA SER A 265 -17.02 -4.67 -14.39
C SER A 265 -16.92 -5.92 -13.49
N GLY A 266 -16.59 -5.73 -12.21
CA GLY A 266 -16.46 -6.87 -11.26
C GLY A 266 -15.00 -7.21 -10.96
N HIS A 267 -14.05 -6.58 -11.63
CA HIS A 267 -12.62 -6.74 -11.24
C HIS A 267 -12.30 -5.84 -10.04
N VAL A 268 -11.46 -6.37 -9.17
CA VAL A 268 -10.95 -5.54 -8.03
C VAL A 268 -9.43 -5.62 -8.04
N PHE A 269 -8.78 -4.49 -7.87
CA PHE A 269 -7.31 -4.42 -7.87
C PHE A 269 -6.85 -3.10 -7.29
N THR A 270 -5.56 -3.03 -6.97
CA THR A 270 -4.95 -1.80 -6.47
C THR A 270 -4.16 -1.01 -7.49
N ILE A 271 -4.06 0.26 -7.29
CA ILE A 271 -3.08 1.11 -7.97
C ILE A 271 -2.26 1.76 -6.85
N GLU A 272 -0.93 1.71 -6.84
CA GLU A 272 -0.11 2.08 -5.67
C GLU A 272 1.22 2.72 -6.11
N PRO A 273 1.17 3.78 -6.92
CA PRO A 273 2.39 4.32 -7.55
C PRO A 273 3.36 4.85 -6.50
N MET A 274 4.62 4.52 -6.70
CA MET A 274 5.76 5.02 -5.91
C MET A 274 6.59 5.92 -6.82
N ILE A 275 6.68 7.22 -6.46
CA ILE A 275 7.32 8.27 -7.29
C ILE A 275 8.56 8.73 -6.57
N CYS A 276 9.63 9.01 -7.33
CA CYS A 276 10.94 9.30 -6.68
C CYS A 276 11.50 10.66 -7.16
N GLU A 277 12.11 11.41 -6.26
CA GLU A 277 12.82 12.66 -6.58
C GLU A 277 13.94 12.43 -7.59
N GLY A 278 14.74 11.36 -7.48
CA GLY A 278 15.90 11.10 -8.36
C GLY A 278 15.53 9.99 -9.33
N GLY A 279 16.35 8.96 -9.39
CA GLY A 279 16.14 7.83 -10.30
C GLY A 279 15.17 6.87 -9.70
N TRP A 280 14.77 5.88 -10.51
CA TRP A 280 13.69 4.93 -10.18
C TRP A 280 14.27 3.69 -9.48
N GLN A 281 15.61 3.55 -9.53
CA GLN A 281 16.28 2.25 -9.21
C GLN A 281 16.08 2.00 -7.73
N ASP A 282 15.75 0.78 -7.34
CA ASP A 282 15.56 0.44 -5.93
C ASP A 282 16.59 -0.58 -5.51
N GLU A 283 16.79 -0.68 -4.20
CA GLU A 283 17.46 -1.90 -3.66
C GLU A 283 16.87 -2.16 -2.28
N THR A 284 17.13 -3.34 -1.83
CA THR A 284 16.53 -3.86 -0.56
C THR A 284 17.58 -3.84 0.54
N TRP A 285 17.22 -3.41 1.77
CA TRP A 285 18.07 -3.56 2.98
C TRP A 285 18.35 -5.02 3.28
N PRO A 286 19.37 -5.24 4.13
CA PRO A 286 19.71 -6.58 4.62
C PRO A 286 18.54 -7.24 5.34
N ASP A 287 17.57 -6.43 5.85
CA ASP A 287 16.43 -7.11 6.49
C ASP A 287 15.60 -7.95 5.49
N GLY A 288 15.75 -7.76 4.18
CA GLY A 288 15.04 -8.57 3.17
C GLY A 288 13.73 -7.92 2.73
N TRP A 289 13.31 -6.81 3.38
CA TRP A 289 11.98 -6.22 3.13
CA TRP A 289 11.99 -6.18 3.09
C TRP A 289 12.10 -4.74 2.67
N THR A 290 12.83 -3.92 3.41
CA THR A 290 12.77 -2.46 3.25
C THR A 290 13.34 -2.13 1.85
N ALA A 291 12.53 -1.52 1.00
CA ALA A 291 12.96 -1.11 -0.34
C ALA A 291 13.32 0.35 -0.25
N VAL A 292 14.49 0.68 -0.80
CA VAL A 292 14.99 2.07 -0.75
C VAL A 292 15.45 2.51 -2.16
N THR A 293 15.39 3.79 -2.36
CA THR A 293 16.02 4.37 -3.56
C THR A 293 17.53 4.12 -3.52
N ARG A 294 18.08 3.69 -4.67
CA ARG A 294 19.55 3.45 -4.78
C ARG A 294 20.30 4.77 -4.57
N ASP A 295 19.68 5.90 -4.91
CA ASP A 295 20.34 7.22 -4.81
C ASP A 295 20.09 7.88 -3.47
N GLY A 296 19.26 7.30 -2.56
CA GLY A 296 18.97 7.91 -1.23
C GLY A 296 18.02 9.12 -1.23
N LYS A 297 17.46 9.46 -2.39
CA LYS A 297 16.47 10.55 -2.46
C LYS A 297 15.07 10.01 -2.12
N ARG A 298 14.15 10.93 -1.86
CA ARG A 298 12.81 10.54 -1.32
C ARG A 298 11.90 9.98 -2.40
N SER A 299 11.04 9.14 -1.86
CA SER A 299 9.98 8.45 -2.61
C SER A 299 8.68 8.60 -1.83
N ALA A 300 7.61 8.87 -2.54
CA ALA A 300 6.27 8.86 -1.92
C ALA A 300 5.35 7.92 -2.66
N GLN A 301 4.24 7.50 -1.97
CA GLN A 301 3.31 6.52 -2.47
C GLN A 301 1.85 6.81 -1.99
N PHE A 302 0.89 6.55 -2.78
CA PHE A 302 -0.52 6.43 -2.34
C PHE A 302 -1.07 5.17 -2.96
N GLU A 303 -2.13 4.59 -2.36
CA GLU A 303 -2.77 3.38 -2.83
C GLU A 303 -4.25 3.36 -2.50
N HIS A 304 -5.04 2.95 -3.44
CA HIS A 304 -6.43 2.57 -3.20
C HIS A 304 -6.72 1.20 -3.76
N THR A 305 -7.77 0.59 -3.21
CA THR A 305 -8.41 -0.60 -3.76
C THR A 305 -9.59 -0.14 -4.56
N LEU A 306 -9.69 -0.64 -5.81
CA LEU A 306 -10.71 -0.20 -6.78
C LEU A 306 -11.56 -1.36 -7.26
N LEU A 307 -12.86 -1.13 -7.41
CA LEU A 307 -13.87 -2.01 -8.07
C LEU A 307 -14.22 -1.40 -9.44
N VAL A 308 -14.02 -2.13 -10.52
CA VAL A 308 -14.49 -1.66 -11.85
C VAL A 308 -16.03 -1.84 -11.92
N THR A 309 -16.75 -0.79 -12.31
CA THR A 309 -18.23 -0.80 -12.45
C THR A 309 -18.59 -0.58 -13.93
N ASP A 310 -19.86 -0.62 -14.31
CA ASP A 310 -20.20 -0.40 -15.73
C ASP A 310 -19.83 1.02 -16.18
N THR A 311 -19.83 1.99 -15.26
CA THR A 311 -19.69 3.43 -15.59
C THR A 311 -18.22 3.84 -15.37
N GLY A 312 -17.43 3.04 -14.69
CA GLY A 312 -16.11 3.52 -14.28
C GLY A 312 -15.56 2.67 -13.18
N CYS A 313 -15.39 3.32 -12.06
CA CYS A 313 -14.69 2.79 -10.92
C CYS A 313 -15.24 3.31 -9.59
N GLU A 314 -15.27 2.41 -8.61
CA GLU A 314 -15.56 2.81 -7.22
C GLU A 314 -14.29 2.65 -6.43
N ILE A 315 -14.00 3.65 -5.62
CA ILE A 315 -12.86 3.65 -4.72
C ILE A 315 -13.28 3.01 -3.40
N LEU A 316 -12.95 1.76 -3.19
CA LEU A 316 -13.49 1.02 -2.05
C LEU A 316 -12.84 1.53 -0.77
N THR A 317 -11.62 2.05 -0.82
CA THR A 317 -10.87 2.54 0.35
C THR A 317 -10.99 4.07 0.53
N ARG A 318 -11.99 4.66 -0.07
CA ARG A 318 -12.30 6.12 0.05
CA ARG A 318 -12.15 6.13 0.07
C ARG A 318 -12.42 6.56 1.50
N ARG A 319 -12.12 7.79 1.77
CA ARG A 319 -12.68 8.42 2.99
C ARG A 319 -14.18 8.68 2.83
N LEU A 320 -14.94 8.47 3.92
CA LEU A 320 -16.41 8.69 3.88
C LEU A 320 -16.82 10.08 4.40
N ASP A 321 -15.95 10.70 5.17
CA ASP A 321 -16.28 11.84 6.07
C ASP A 321 -15.33 13.01 5.84
N SER A 322 -14.58 13.02 4.75
CA SER A 322 -13.62 14.11 4.50
C SER A 322 -13.25 14.03 3.01
N ALA A 323 -13.20 15.14 2.34
CA ALA A 323 -13.08 15.30 0.86
C ALA A 323 -11.68 14.98 0.38
N ARG A 324 -10.68 15.07 1.24
CA ARG A 324 -9.26 15.15 0.84
C ARG A 324 -8.43 14.13 1.58
N PRO A 325 -7.28 13.71 1.05
CA PRO A 325 -6.35 12.88 1.84
C PRO A 325 -5.75 13.69 3.00
N HIS A 326 -5.18 12.98 3.95
CA HIS A 326 -4.76 13.57 5.23
C HIS A 326 -3.71 14.66 5.00
N PHE A 327 -2.82 14.58 3.97
CA PHE A 327 -1.66 15.52 3.86
C PHE A 327 -2.17 16.93 3.53
N MET A 328 -3.37 17.01 2.95
CA MET A 328 -4.02 18.20 2.38
CA MET A 328 -3.81 18.30 2.37
C MET A 328 -4.44 19.12 3.52
N SER A 329 -4.38 18.63 4.75
CA SER A 329 -4.80 19.46 5.94
C SER A 329 -3.60 19.69 6.88
CO CO B . -1.11 -3.15 -2.39
CO CO C . -0.79 -1.67 0.49
C4 EYL D . 5.46 -8.89 1.48
C6 EYL D . 7.48 -7.48 0.96
C8 EYL D . 9.44 -8.54 -0.28
C2 EYL D . 3.06 -6.05 1.93
C1 EYL D . 2.13 -5.17 0.99
C11 EYL D . 4.25 -7.47 3.31
C10 EYL D . 7.49 -9.81 0.22
C9 EYL D . 8.79 -9.76 -0.35
C7 EYL D . 8.79 -7.43 0.35
C14 EYL D . 2.49 -5.38 -0.34
C13 EYL D . 3.36 -6.27 -0.85
C12 EYL D . 3.19 -6.74 3.12
O EYL D . 0.26 -3.37 1.54
C EYL D . 1.12 -3.95 0.78
N EYL D . 1.06 -3.43 -0.46
O1 EYL D . 0.12 -2.50 -0.96
N2 EYL D . 4.06 -7.06 -0.11
C3 EYL D . 3.94 -7.04 1.21
N1 EYL D . 4.68 -7.80 2.05
C5 EYL D . 6.83 -8.71 0.85
NA NA E . 9.40 7.23 1.18
C1 GOL F . -1.59 -6.52 20.75
O1 GOL F . -1.57 -7.94 20.72
C2 GOL F . -0.80 -6.03 21.93
O2 GOL F . -1.64 -5.36 22.88
C3 GOL F . -0.09 -7.19 22.54
O3 GOL F . 0.50 -7.93 21.45
C1 GOL G . -5.30 13.09 11.53
O1 GOL G . -6.65 13.17 11.98
C2 GOL G . -5.02 13.98 10.32
O2 GOL G . -3.85 13.60 9.56
C3 GOL G . -6.15 13.97 9.34
O3 GOL G . -5.91 15.02 8.42
C1 GOL H . 7.22 -7.38 -2.75
O1 GOL H . 7.50 -8.02 -4.00
C2 GOL H . 5.75 -7.13 -2.53
O2 GOL H . 5.15 -6.61 -3.72
C3 GOL H . 5.01 -8.31 -1.96
O3 GOL H . 3.82 -8.61 -2.68
MG MG I . 18.40 7.11 15.46
#